data_5CEL
#
_entry.id   5CEL
#
_cell.length_a   83.050
_cell.length_b   82.950
_cell.length_c   110.850
_cell.angle_alpha   90.00
_cell.angle_beta   90.00
_cell.angle_gamma   90.00
#
_symmetry.space_group_name_H-M   'I 2 2 2'
#
loop_
_entity.id
_entity.type
_entity.pdbx_description
1 polymer '1,4-BETA-D-GLUCAN CELLOBIOHYDROLASE I'
2 branched beta-D-glucopyranose-(1-4)-beta-D-glucopyranose-(1-4)-beta-D-glucopyranose-(1-4)-beta-D-glucopyranose
3 non-polymer 2-acetamido-2-deoxy-beta-D-glucopyranose
4 non-polymer 'COBALT (II) ION'
5 water water
#
_entity_poly.entity_id   1
_entity_poly.type   'polypeptide(L)'
_entity_poly.pdbx_seq_one_letter_code
;(PCA)SACTLQSETHPPLTWQKCSSGGTCTQQTGSVVIDANWRWTHATNSSTNCYDGNTWSSTLCPDNETCAKNCCLDGA
AYASTYGVTTSGNSLSIDFVTQSAQKNVGARLYLMASDTTYQEFTLLGNEFSFDVDVSQLPCGLNGALYFVSMDADGGVS
KYPTNTAGAKYGTGYCDSQCPRDLKFINGQANVEGWEPSSNNANTGIGGHGSCCSQMDIWEANSISEALTPHPCTTVGQE
ICEGDGCGGTYSDNRYGGTCDPDGCDWNPYRLGNTSFYGPGSSFTLDTTKKLTVVTQFETSGAINRYYVQNGVTFQQPNA
ELGSYSGNELNDDYCTAEEAEFGGSSFSDKGGLTQFKKATSGGMVLVMSLWDDYYANMLWLDSTYPTNETSSTPGAVRGS
CSTSSGVPAQVESQSPNAKVTFSNIKFGPIGSTGNPSG
;
_entity_poly.pdbx_strand_id   A
#
# COMPACT_ATOMS: atom_id res chain seq x y z
N SER A 2 23.46 -6.52 -1.39
CA SER A 2 23.93 -6.50 -2.78
C SER A 2 22.93 -7.35 -3.55
N ALA A 3 23.16 -7.53 -4.84
CA ALA A 3 22.28 -8.33 -5.67
C ALA A 3 23.01 -9.55 -6.22
N CYS A 4 22.30 -10.67 -6.29
CA CYS A 4 22.86 -11.90 -6.82
C CYS A 4 22.03 -12.28 -8.02
N THR A 5 22.51 -13.24 -8.81
CA THR A 5 21.82 -13.62 -10.02
C THR A 5 21.58 -15.11 -10.27
N LEU A 6 21.35 -15.87 -9.20
CA LEU A 6 21.07 -17.30 -9.33
C LEU A 6 19.73 -17.49 -10.05
N GLN A 7 18.86 -16.49 -9.92
CA GLN A 7 17.55 -16.47 -10.58
C GLN A 7 17.49 -15.12 -11.30
N SER A 8 17.22 -15.13 -12.60
CA SER A 8 17.15 -13.90 -13.36
C SER A 8 15.99 -13.03 -12.93
N GLU A 9 16.20 -11.72 -12.99
CA GLU A 9 15.19 -10.74 -12.60
C GLU A 9 14.63 -10.05 -13.84
N THR A 10 13.43 -10.45 -14.24
CA THR A 10 12.75 -9.86 -15.40
C THR A 10 11.46 -9.24 -14.90
N HIS A 11 11.41 -7.91 -14.85
CA HIS A 11 10.23 -7.19 -14.39
C HIS A 11 9.07 -7.29 -15.39
N PRO A 12 7.88 -7.74 -14.95
CA PRO A 12 6.75 -7.85 -15.90
C PRO A 12 6.39 -6.43 -16.40
N PRO A 13 6.34 -6.24 -17.72
CA PRO A 13 5.99 -4.91 -18.25
C PRO A 13 4.58 -4.44 -17.92
N LEU A 14 4.41 -3.12 -17.86
CA LEU A 14 3.10 -2.53 -17.56
C LEU A 14 3.02 -1.15 -18.19
N THR A 15 2.06 -0.97 -19.07
CA THR A 15 1.88 0.33 -19.70
C THR A 15 0.84 1.15 -18.94
N TRP A 16 0.97 2.47 -19.02
CA TRP A 16 0.03 3.38 -18.38
C TRP A 16 -0.09 4.62 -19.27
N GLN A 17 -1.13 5.40 -19.05
CA GLN A 17 -1.34 6.60 -19.87
C GLN A 17 -0.98 7.89 -19.16
N LYS A 18 -0.26 8.75 -19.86
CA LYS A 18 0.11 10.06 -19.33
C LYS A 18 -0.75 11.03 -20.15
N CYS A 19 -1.63 11.76 -19.47
CA CYS A 19 -2.54 12.69 -20.14
C CYS A 19 -2.14 14.13 -19.95
N SER A 20 -2.59 14.97 -20.87
CA SER A 20 -2.29 16.40 -20.86
C SER A 20 -3.55 17.25 -20.81
N SER A 21 -3.39 18.49 -20.34
CA SER A 21 -4.50 19.43 -20.24
C SER A 21 -5.13 19.71 -21.61
N GLY A 22 -4.37 19.46 -22.67
CA GLY A 22 -4.84 19.69 -24.02
C GLY A 22 -5.85 18.69 -24.53
N GLY A 23 -6.13 17.65 -23.75
CA GLY A 23 -7.12 16.67 -24.16
C GLY A 23 -6.67 15.35 -24.77
N THR A 24 -5.37 15.08 -24.77
CA THR A 24 -4.88 13.83 -25.33
C THR A 24 -4.07 13.07 -24.30
N CYS A 25 -3.94 11.76 -24.51
CA CYS A 25 -3.19 10.90 -23.61
C CYS A 25 -2.25 10.06 -24.47
N THR A 26 -1.03 9.84 -23.98
CA THR A 26 -0.06 9.04 -24.70
C THR A 26 0.43 7.90 -23.80
N GLN A 27 0.62 6.73 -24.40
CA GLN A 27 1.07 5.55 -23.68
C GLN A 27 2.49 5.65 -23.17
N GLN A 28 2.69 5.13 -21.96
CA GLN A 28 3.98 5.10 -21.29
C GLN A 28 4.26 3.64 -21.03
N THR A 29 5.51 3.23 -21.14
CA THR A 29 5.83 1.83 -20.88
C THR A 29 6.78 1.70 -19.70
N GLY A 30 6.30 1.02 -18.67
CA GLY A 30 7.09 0.78 -17.48
C GLY A 30 7.04 -0.70 -17.17
N SER A 31 7.20 -1.04 -15.90
CA SER A 31 7.15 -2.43 -15.46
C SER A 31 6.96 -2.44 -13.95
N VAL A 32 6.78 -3.62 -13.37
CA VAL A 32 6.62 -3.72 -11.92
C VAL A 32 7.69 -4.59 -11.31
N VAL A 33 8.11 -4.22 -10.09
CA VAL A 33 9.13 -4.95 -9.35
C VAL A 33 8.60 -5.31 -7.95
N ILE A 34 8.87 -6.54 -7.51
CA ILE A 34 8.40 -6.97 -6.19
C ILE A 34 9.33 -6.50 -5.08
N ASP A 35 8.74 -6.15 -3.94
CA ASP A 35 9.49 -5.68 -2.78
C ASP A 35 10.50 -6.73 -2.32
N ALA A 36 11.63 -6.25 -1.82
CA ALA A 36 12.73 -7.08 -1.35
C ALA A 36 12.38 -8.17 -0.32
N ASN A 37 11.43 -7.86 0.57
CA ASN A 37 10.99 -8.81 1.61
C ASN A 37 10.50 -10.15 1.08
N TRP A 38 9.93 -10.15 -0.12
CA TRP A 38 9.40 -11.37 -0.73
C TRP A 38 10.49 -12.24 -1.37
N ARG A 39 11.68 -11.68 -1.54
CA ARG A 39 12.79 -12.39 -2.21
C ARG A 39 13.63 -13.31 -1.35
N TRP A 40 14.43 -14.12 -2.05
CA TRP A 40 15.37 -15.04 -1.43
C TRP A 40 16.58 -14.19 -1.04
N THR A 41 16.99 -14.24 0.23
CA THR A 41 18.16 -13.51 0.71
C THR A 41 19.19 -14.58 1.08
N HIS A 42 20.31 -14.63 0.35
CA HIS A 42 21.33 -15.63 0.62
C HIS A 42 22.74 -15.07 0.65
N ALA A 43 23.71 -15.90 1.05
CA ALA A 43 25.10 -15.48 1.11
C ALA A 43 25.54 -15.16 -0.31
N THR A 44 26.37 -14.12 -0.46
CA THR A 44 26.84 -13.71 -1.77
C THR A 44 27.62 -14.80 -2.51
N ASN A 45 28.36 -15.62 -1.75
CA ASN A 45 29.19 -16.67 -2.33
C ASN A 45 28.63 -18.10 -2.37
N SER A 46 27.37 -18.30 -1.98
CA SER A 46 26.76 -19.62 -1.99
C SER A 46 25.23 -19.52 -2.03
N SER A 47 24.55 -20.67 -1.90
CA SER A 47 23.09 -20.71 -1.89
C SER A 47 22.51 -20.73 -0.48
N THR A 48 23.37 -20.52 0.52
CA THR A 48 22.96 -20.53 1.92
C THR A 48 22.16 -19.29 2.29
N ASN A 49 20.92 -19.52 2.76
CA ASN A 49 20.03 -18.43 3.18
C ASN A 49 20.59 -17.61 4.32
N CYS A 50 20.33 -16.31 4.26
CA CYS A 50 20.73 -15.39 5.32
C CYS A 50 19.52 -15.25 6.23
N TYR A 51 18.35 -15.54 5.66
CA TYR A 51 17.07 -15.48 6.36
C TYR A 51 16.25 -16.67 5.87
N ASP A 52 15.68 -17.42 6.79
CA ASP A 52 14.88 -18.58 6.45
C ASP A 52 13.74 -18.67 7.45
N GLY A 53 12.51 -18.85 6.95
CA GLY A 53 11.35 -18.90 7.83
C GLY A 53 11.19 -17.50 8.40
N ASN A 54 11.34 -17.34 9.71
CA ASN A 54 11.24 -16.02 10.31
C ASN A 54 12.43 -15.69 11.19
N THR A 55 13.58 -16.30 10.87
CA THR A 55 14.80 -16.06 11.63
C THR A 55 16.01 -15.89 10.73
N TRP A 56 16.95 -15.09 11.19
CA TRP A 56 18.19 -14.81 10.47
C TRP A 56 19.29 -15.79 10.82
N SER A 57 20.24 -15.94 9.90
CA SER A 57 21.39 -16.79 10.11
C SER A 57 22.24 -16.09 11.16
N SER A 58 22.41 -16.70 12.33
CA SER A 58 23.20 -16.09 13.39
C SER A 58 24.68 -15.97 13.04
N THR A 59 25.13 -16.74 12.04
CA THR A 59 26.52 -16.70 11.63
C THR A 59 26.76 -15.70 10.49
N LEU A 60 25.91 -15.73 9.47
CA LEU A 60 26.02 -14.82 8.34
C LEU A 60 25.55 -13.42 8.73
N CYS A 61 24.66 -13.38 9.72
CA CYS A 61 24.09 -12.11 10.18
C CYS A 61 24.15 -11.85 11.68
N PRO A 62 25.36 -11.70 12.24
CA PRO A 62 25.53 -11.45 13.67
C PRO A 62 25.13 -10.02 14.07
N ASP A 63 25.13 -9.12 13.09
CA ASP A 63 24.76 -7.72 13.30
C ASP A 63 24.30 -7.15 11.94
N ASN A 64 23.63 -6.01 11.97
CA ASN A 64 23.10 -5.38 10.76
C ASN A 64 24.10 -5.11 9.65
N GLU A 65 25.31 -4.70 10.01
CA GLU A 65 26.33 -4.39 9.01
C GLU A 65 26.96 -5.62 8.38
N THR A 66 27.36 -6.58 9.21
CA THR A 66 27.99 -7.79 8.74
C THR A 66 27.02 -8.55 7.84
N CYS A 67 25.75 -8.51 8.21
CA CYS A 67 24.70 -9.17 7.45
C CYS A 67 24.58 -8.55 6.05
N ALA A 68 24.52 -7.22 5.98
CA ALA A 68 24.40 -6.54 4.68
C ALA A 68 25.62 -6.85 3.80
N LYS A 69 26.78 -6.94 4.41
CA LYS A 69 28.01 -7.26 3.70
C LYS A 69 28.03 -8.70 3.16
N ASN A 70 27.53 -9.64 3.95
CA ASN A 70 27.51 -11.05 3.55
C ASN A 70 26.34 -11.47 2.68
N CYS A 71 25.28 -10.68 2.70
CA CYS A 71 24.07 -11.05 1.99
C CYS A 71 23.62 -10.27 0.77
N CYS A 72 22.88 -10.98 -0.09
CA CYS A 72 22.35 -10.40 -1.32
C CYS A 72 20.92 -10.86 -1.57
N LEU A 73 20.19 -10.07 -2.35
CA LEU A 73 18.82 -10.36 -2.75
C LEU A 73 18.92 -10.98 -4.13
N ASP A 74 18.08 -11.95 -4.44
CA ASP A 74 18.12 -12.58 -5.74
C ASP A 74 16.86 -12.28 -6.55
N GLY A 75 16.85 -12.72 -7.80
CA GLY A 75 15.71 -12.51 -8.69
C GLY A 75 14.45 -13.26 -8.30
N ALA A 76 13.35 -12.90 -8.95
CA ALA A 76 12.05 -13.49 -8.67
C ALA A 76 11.36 -14.03 -9.91
N ALA A 77 10.73 -15.20 -9.76
CA ALA A 77 9.97 -15.82 -10.84
C ALA A 77 8.56 -15.30 -10.56
N TYR A 78 8.22 -14.15 -11.14
CA TYR A 78 6.94 -13.50 -10.91
C TYR A 78 5.67 -14.32 -10.98
N ALA A 79 5.51 -15.08 -12.06
CA ALA A 79 4.31 -15.89 -12.23
C ALA A 79 4.27 -17.15 -11.37
N SER A 80 5.26 -18.02 -11.54
CA SER A 80 5.32 -19.29 -10.81
C SER A 80 5.50 -19.20 -9.30
N THR A 81 6.26 -18.24 -8.82
CA THR A 81 6.46 -18.10 -7.39
C THR A 81 5.51 -17.10 -6.73
N TYR A 82 5.30 -15.97 -7.40
CA TYR A 82 4.48 -14.93 -6.80
C TYR A 82 3.07 -14.68 -7.35
N GLY A 83 2.69 -15.43 -8.38
CA GLY A 83 1.36 -15.28 -8.96
C GLY A 83 1.08 -13.88 -9.50
N VAL A 84 2.14 -13.22 -9.96
CA VAL A 84 2.04 -11.87 -10.51
C VAL A 84 2.19 -11.94 -12.02
N THR A 85 1.21 -11.41 -12.74
CA THR A 85 1.25 -11.40 -14.19
C THR A 85 0.74 -10.06 -14.70
N THR A 86 1.13 -9.71 -15.92
CA THR A 86 0.70 -8.45 -16.53
C THR A 86 0.34 -8.72 -17.99
N SER A 87 -0.46 -7.83 -18.54
CA SER A 87 -0.89 -7.93 -19.93
C SER A 87 -1.29 -6.53 -20.36
N GLY A 88 -0.42 -5.86 -21.12
CA GLY A 88 -0.70 -4.51 -21.57
C GLY A 88 -0.78 -3.56 -20.40
N ASN A 89 -1.97 -2.97 -20.19
CA ASN A 89 -2.16 -2.03 -19.08
C ASN A 89 -2.75 -2.72 -17.85
N SER A 90 -2.77 -4.05 -17.85
CA SER A 90 -3.35 -4.81 -16.75
C SER A 90 -2.32 -5.56 -15.89
N LEU A 91 -2.59 -5.59 -14.58
CA LEU A 91 -1.74 -6.28 -13.61
C LEU A 91 -2.64 -7.11 -12.70
N SER A 92 -2.35 -8.41 -12.60
CA SER A 92 -3.12 -9.30 -11.73
C SER A 92 -2.22 -9.91 -10.68
N ILE A 93 -2.74 -10.01 -9.46
CA ILE A 93 -2.01 -10.58 -8.32
C ILE A 93 -2.88 -11.64 -7.65
N ASP A 94 -2.38 -12.87 -7.59
CA ASP A 94 -3.12 -13.95 -6.95
C ASP A 94 -2.84 -13.90 -5.46
N PHE A 95 -3.78 -14.41 -4.68
CA PHE A 95 -3.66 -14.40 -3.22
C PHE A 95 -2.64 -15.42 -2.71
N VAL A 96 -2.86 -16.69 -3.02
CA VAL A 96 -1.96 -17.75 -2.59
C VAL A 96 -1.42 -18.50 -3.81
N THR A 97 -0.10 -18.57 -3.90
CA THR A 97 0.57 -19.28 -5.00
C THR A 97 1.48 -20.33 -4.38
N GLN A 98 1.31 -21.57 -4.80
CA GLN A 98 2.11 -22.67 -4.29
C GLN A 98 3.14 -23.10 -5.32
N SER A 99 4.41 -23.12 -4.90
CA SER A 99 5.51 -23.55 -5.75
C SER A 99 6.34 -24.43 -4.82
N ALA A 100 7.63 -24.18 -4.68
CA ALA A 100 8.46 -24.95 -3.77
C ALA A 100 7.96 -24.64 -2.37
N GLN A 101 7.44 -23.42 -2.20
CA GLN A 101 6.90 -22.95 -0.94
C GLN A 101 5.59 -22.20 -1.22
N LYS A 102 4.90 -21.83 -0.16
CA LYS A 102 3.65 -21.10 -0.27
C LYS A 102 3.95 -19.59 -0.21
N ASN A 103 3.32 -18.83 -1.10
CA ASN A 103 3.51 -17.37 -1.10
C ASN A 103 2.16 -16.71 -0.97
N VAL A 104 2.10 -15.61 -0.22
CA VAL A 104 0.85 -14.89 -0.04
C VAL A 104 0.93 -13.47 -0.61
N GLY A 105 0.24 -13.24 -1.71
CA GLY A 105 0.20 -11.93 -2.34
C GLY A 105 1.53 -11.34 -2.77
N ALA A 106 1.60 -10.01 -2.77
CA ALA A 106 2.79 -9.30 -3.21
C ALA A 106 2.64 -7.81 -3.00
N ARG A 107 3.77 -7.11 -3.02
CA ARG A 107 3.81 -5.65 -2.96
C ARG A 107 4.73 -5.31 -4.12
N LEU A 108 4.18 -4.58 -5.08
CA LEU A 108 4.91 -4.20 -6.29
C LEU A 108 5.01 -2.69 -6.50
N TYR A 109 6.08 -2.26 -7.17
CA TYR A 109 6.30 -0.84 -7.46
C TYR A 109 6.37 -0.64 -8.95
N LEU A 110 5.83 0.49 -9.42
CA LEU A 110 5.88 0.79 -10.85
C LEU A 110 7.26 1.40 -11.11
N MET A 111 7.95 0.87 -12.11
CA MET A 111 9.29 1.34 -12.44
C MET A 111 9.33 2.23 -13.67
N ALA A 112 10.30 3.14 -13.70
CA ALA A 112 10.53 4.03 -14.84
C ALA A 112 11.46 3.27 -15.80
N SER A 113 12.45 2.62 -15.24
CA SER A 113 13.42 1.83 -16.01
C SER A 113 13.67 0.57 -15.19
N ASP A 114 14.45 -0.37 -15.71
CA ASP A 114 14.72 -1.59 -14.97
C ASP A 114 15.52 -1.37 -13.69
N THR A 115 15.99 -0.15 -13.47
CA THR A 115 16.78 0.16 -12.28
C THR A 115 16.29 1.37 -11.47
N THR A 116 15.13 1.92 -11.83
CA THR A 116 14.59 3.08 -11.12
C THR A 116 13.07 3.05 -11.02
N TYR A 117 12.54 3.63 -9.94
CA TYR A 117 11.11 3.72 -9.73
C TYR A 117 10.56 4.97 -10.42
N GLN A 118 9.32 4.87 -10.88
CA GLN A 118 8.64 5.99 -11.51
C GLN A 118 8.14 6.88 -10.39
N GLU A 119 8.40 8.18 -10.46
CA GLU A 119 7.94 9.11 -9.44
C GLU A 119 6.77 9.91 -10.02
N PHE A 120 5.77 10.22 -9.19
CA PHE A 120 4.59 10.98 -9.61
C PHE A 120 4.38 12.16 -8.67
N THR A 121 4.12 13.34 -9.23
CA THR A 121 3.84 14.52 -8.41
C THR A 121 2.31 14.64 -8.44
N LEU A 122 1.68 14.34 -7.32
CA LEU A 122 0.22 14.35 -7.23
C LEU A 122 -0.48 15.70 -7.21
N LEU A 123 0.08 16.66 -6.48
CA LEU A 123 -0.54 17.99 -6.37
C LEU A 123 -0.86 18.60 -7.72
N GLY A 124 -2.12 19.02 -7.86
CA GLY A 124 -2.60 19.62 -9.09
C GLY A 124 -2.97 18.61 -10.16
N ASN A 125 -2.75 17.33 -9.89
CA ASN A 125 -3.06 16.30 -10.87
C ASN A 125 -4.09 15.31 -10.35
N GLU A 126 -4.43 14.35 -11.19
CA GLU A 126 -5.38 13.30 -10.83
C GLU A 126 -4.86 11.96 -11.29
N PHE A 127 -5.21 10.93 -10.52
CA PHE A 127 -4.80 9.57 -10.80
C PHE A 127 -6.04 8.72 -11.00
N SER A 128 -6.09 8.00 -12.11
CA SER A 128 -7.21 7.14 -12.42
C SER A 128 -6.77 5.71 -12.69
N PHE A 129 -7.62 4.76 -12.31
CA PHE A 129 -7.34 3.34 -12.54
C PHE A 129 -8.62 2.53 -12.45
N ASP A 130 -8.62 1.40 -13.14
CA ASP A 130 -9.73 0.46 -13.13
C ASP A 130 -9.34 -0.69 -12.19
N VAL A 131 -10.30 -1.25 -11.49
CA VAL A 131 -10.01 -2.34 -10.59
C VAL A 131 -11.16 -3.32 -10.52
N ASP A 132 -10.81 -4.60 -10.43
CA ASP A 132 -11.79 -5.65 -10.29
C ASP A 132 -11.51 -6.24 -8.92
N VAL A 133 -12.41 -5.97 -7.99
CA VAL A 133 -12.31 -6.46 -6.61
C VAL A 133 -13.27 -7.62 -6.36
N SER A 134 -13.90 -8.11 -7.42
CA SER A 134 -14.89 -9.20 -7.30
C SER A 134 -14.38 -10.44 -6.60
N GLN A 135 -13.09 -10.72 -6.72
CA GLN A 135 -12.51 -11.91 -6.09
C GLN A 135 -11.84 -11.63 -4.75
N LEU A 136 -12.22 -10.54 -4.09
CA LEU A 136 -11.65 -10.17 -2.81
C LEU A 136 -12.70 -10.18 -1.70
N PRO A 137 -12.76 -11.26 -0.91
CA PRO A 137 -13.74 -11.34 0.18
C PRO A 137 -13.24 -10.64 1.44
N CYS A 138 -14.02 -10.71 2.52
CA CYS A 138 -13.65 -10.11 3.79
C CYS A 138 -12.26 -10.57 4.19
N GLY A 139 -11.49 -9.68 4.80
CA GLY A 139 -10.15 -10.04 5.24
C GLY A 139 -9.03 -9.80 4.24
N LEU A 140 -9.38 -9.55 2.97
CA LEU A 140 -8.38 -9.28 1.95
C LEU A 140 -8.35 -7.81 1.59
N ASN A 141 -7.25 -7.37 0.96
CA ASN A 141 -7.11 -5.98 0.58
C ASN A 141 -6.19 -5.84 -0.63
N GLY A 142 -6.78 -5.43 -1.76
CA GLY A 142 -6.03 -5.21 -2.97
C GLY A 142 -5.77 -3.71 -2.91
N ALA A 143 -4.61 -3.34 -2.36
CA ALA A 143 -4.28 -1.94 -2.18
C ALA A 143 -3.47 -1.28 -3.30
N LEU A 144 -3.76 -0.01 -3.52
CA LEU A 144 -3.05 0.80 -4.51
C LEU A 144 -2.82 2.11 -3.79
N TYR A 145 -1.56 2.52 -3.70
CA TYR A 145 -1.23 3.75 -3.01
C TYR A 145 0.12 4.34 -3.42
N PHE A 146 0.44 5.49 -2.83
CA PHE A 146 1.69 6.20 -3.11
C PHE A 146 2.48 6.45 -1.81
N VAL A 147 3.80 6.35 -1.90
CA VAL A 147 4.70 6.59 -0.76
C VAL A 147 5.88 7.43 -1.25
N SER A 148 6.44 8.23 -0.35
CA SER A 148 7.58 9.09 -0.69
C SER A 148 8.92 8.35 -0.63
N MET A 149 9.11 7.42 -1.56
CA MET A 149 10.33 6.63 -1.66
C MET A 149 11.30 7.26 -2.65
N ASP A 150 12.59 6.96 -2.48
CA ASP A 150 13.64 7.46 -3.38
C ASP A 150 13.52 6.67 -4.67
N ALA A 151 13.76 7.33 -5.80
CA ALA A 151 13.66 6.69 -7.10
C ALA A 151 14.66 5.55 -7.30
N ASP A 152 15.80 5.63 -6.61
CA ASP A 152 16.81 4.58 -6.73
C ASP A 152 16.67 3.48 -5.68
N GLY A 153 15.71 3.64 -4.78
CA GLY A 153 15.50 2.65 -3.73
C GLY A 153 16.47 2.79 -2.57
N GLY A 154 17.15 3.94 -2.49
CA GLY A 154 18.09 4.20 -1.41
C GLY A 154 19.59 4.08 -1.71
N VAL A 155 19.94 3.63 -2.90
CA VAL A 155 21.34 3.44 -3.29
C VAL A 155 22.29 4.62 -3.09
N SER A 156 21.89 5.80 -3.54
CA SER A 156 22.75 6.98 -3.41
C SER A 156 23.02 7.38 -1.98
N LYS A 157 22.05 7.21 -1.10
CA LYS A 157 22.23 7.58 0.31
C LYS A 157 22.94 6.53 1.14
N TYR A 158 22.76 5.26 0.77
CA TYR A 158 23.35 4.15 1.51
C TYR A 158 24.12 3.20 0.60
N PRO A 159 25.42 3.46 0.42
CA PRO A 159 26.36 2.69 -0.41
C PRO A 159 26.33 1.16 -0.23
N THR A 160 26.07 0.72 0.99
CA THR A 160 26.00 -0.72 1.28
C THR A 160 24.80 -1.42 0.62
N ASN A 161 23.89 -0.63 0.06
CA ASN A 161 22.75 -1.17 -0.66
C ASN A 161 23.07 -0.99 -2.14
N THR A 162 23.46 -2.07 -2.81
CA THR A 162 23.78 -2.01 -4.23
C THR A 162 22.70 -2.70 -5.06
N ALA A 163 21.71 -3.30 -4.38
CA ALA A 163 20.61 -3.98 -5.07
C ALA A 163 19.66 -2.95 -5.68
N GLY A 164 19.27 -1.98 -4.87
CA GLY A 164 18.38 -0.90 -5.31
C GLY A 164 16.97 -1.20 -5.78
N ALA A 165 16.41 -0.28 -6.54
CA ALA A 165 15.06 -0.39 -7.09
C ALA A 165 14.84 -1.63 -7.94
N LYS A 166 15.90 -2.12 -8.59
CA LYS A 166 15.80 -3.30 -9.43
C LYS A 166 15.36 -4.52 -8.61
N TYR A 167 15.71 -4.52 -7.33
CA TYR A 167 15.35 -5.61 -6.44
C TYR A 167 14.35 -5.18 -5.35
N GLY A 168 13.62 -4.11 -5.64
CA GLY A 168 12.61 -3.59 -4.74
C GLY A 168 13.02 -3.15 -3.35
N THR A 169 14.13 -2.43 -3.24
CA THR A 169 14.57 -1.95 -1.93
C THR A 169 14.05 -0.53 -1.72
N GLY A 170 14.24 -0.01 -0.52
CA GLY A 170 13.86 1.35 -0.20
C GLY A 170 12.46 1.65 0.27
N TYR A 171 11.62 0.63 0.48
CA TYR A 171 10.26 0.85 0.94
C TYR A 171 10.13 1.60 2.27
N CYS A 172 9.03 2.34 2.38
CA CYS A 172 8.66 3.08 3.57
C CYS A 172 7.18 3.39 3.42
N ASP A 173 6.51 3.61 4.56
CA ASP A 173 5.11 3.99 4.58
C ASP A 173 4.78 4.63 5.93
N SER A 174 3.54 5.06 6.10
CA SER A 174 3.17 5.73 7.34
C SER A 174 3.08 4.90 8.61
N GLN A 175 3.29 3.60 8.50
CA GLN A 175 3.29 2.72 9.68
C GLN A 175 4.73 2.59 10.18
N CYS A 176 5.67 3.18 9.44
CA CYS A 176 7.10 3.11 9.75
C CYS A 176 7.43 1.63 9.94
N PRO A 177 7.13 0.79 8.92
CA PRO A 177 7.35 -0.66 8.95
C PRO A 177 8.67 -1.20 9.48
N ARG A 178 8.57 -1.98 10.56
CA ARG A 178 9.72 -2.60 11.19
C ARG A 178 9.92 -4.05 10.75
N ASP A 179 9.02 -4.52 9.87
CA ASP A 179 9.08 -5.89 9.35
C ASP A 179 10.05 -6.03 8.18
N LEU A 180 10.57 -4.92 7.70
CA LEU A 180 11.51 -4.91 6.58
C LEU A 180 12.85 -5.54 7.01
N LYS A 181 13.38 -6.41 6.17
CA LYS A 181 14.64 -7.09 6.46
C LYS A 181 15.88 -6.23 6.22
N PHE A 182 15.77 -5.29 5.28
CA PHE A 182 16.86 -4.38 4.99
C PHE A 182 16.34 -2.95 4.95
N ILE A 183 16.98 -2.07 5.72
CA ILE A 183 16.62 -0.66 5.78
C ILE A 183 17.93 0.13 5.80
N ASN A 184 18.03 1.12 4.92
CA ASN A 184 19.21 1.98 4.84
C ASN A 184 20.52 1.23 4.61
N GLY A 185 20.50 0.26 3.71
CA GLY A 185 21.70 -0.51 3.39
C GLY A 185 22.19 -1.46 4.47
N GLN A 186 21.40 -1.63 5.51
CA GLN A 186 21.76 -2.53 6.61
C GLN A 186 20.61 -3.50 6.84
N ALA A 187 20.93 -4.65 7.46
CA ALA A 187 19.91 -5.65 7.77
C ALA A 187 19.12 -5.14 8.97
N ASN A 188 18.05 -5.84 9.33
CA ASN A 188 17.24 -5.45 10.48
C ASN A 188 17.25 -6.59 11.50
N VAL A 189 18.34 -7.37 11.48
CA VAL A 189 18.51 -8.51 12.38
C VAL A 189 18.60 -8.14 13.86
N GLU A 190 19.24 -7.01 14.16
CA GLU A 190 19.34 -6.57 15.54
C GLU A 190 17.94 -6.23 16.08
N GLY A 191 17.58 -6.86 17.20
CA GLY A 191 16.27 -6.64 17.79
C GLY A 191 15.14 -7.43 17.14
N TRP A 192 15.46 -8.27 16.17
CA TRP A 192 14.46 -9.09 15.47
C TRP A 192 13.68 -9.99 16.41
N GLU A 193 12.36 -9.92 16.28
CA GLU A 193 11.42 -10.71 17.06
C GLU A 193 10.50 -11.37 16.05
N PRO A 194 10.56 -12.71 15.93
CA PRO A 194 9.72 -13.43 14.98
C PRO A 194 8.24 -13.32 15.31
N SER A 195 7.40 -13.31 14.29
CA SER A 195 5.96 -13.22 14.46
C SER A 195 5.45 -14.52 15.05
N SER A 196 4.52 -14.42 15.99
CA SER A 196 3.94 -15.61 16.63
C SER A 196 2.93 -16.30 15.73
N ASN A 197 2.35 -15.55 14.79
CA ASN A 197 1.36 -16.12 13.88
C ASN A 197 1.76 -16.24 12.41
N ASN A 198 2.91 -15.68 12.04
CA ASN A 198 3.35 -15.75 10.65
C ASN A 198 4.72 -16.41 10.57
N ALA A 199 4.77 -17.54 9.86
CA ALA A 199 6.00 -18.32 9.67
C ALA A 199 7.10 -17.63 8.85
N ASN A 200 6.73 -16.59 8.11
CA ASN A 200 7.69 -15.86 7.26
C ASN A 200 8.12 -14.50 7.76
N THR A 201 7.45 -13.95 8.78
CA THR A 201 7.77 -12.61 9.24
C THR A 201 8.25 -12.37 10.67
N GLY A 202 8.66 -11.13 10.93
CA GLY A 202 9.12 -10.73 12.24
C GLY A 202 9.14 -9.22 12.32
N ILE A 203 9.71 -8.69 13.40
CA ILE A 203 9.80 -7.25 13.62
C ILE A 203 11.20 -6.92 14.14
N GLY A 204 11.92 -6.07 13.41
CA GLY A 204 13.27 -5.68 13.80
C GLY A 204 13.37 -4.42 14.64
N GLY A 205 14.61 -4.07 15.00
CA GLY A 205 14.83 -2.89 15.81
C GLY A 205 14.69 -1.56 15.08
N HIS A 206 14.57 -1.60 13.76
CA HIS A 206 14.42 -0.38 12.95
C HIS A 206 13.20 -0.43 12.05
N GLY A 207 12.71 0.75 11.70
CA GLY A 207 11.57 0.88 10.82
C GLY A 207 11.88 1.90 9.74
N SER A 208 11.04 1.97 8.71
CA SER A 208 11.26 2.92 7.62
C SER A 208 10.02 3.77 7.41
N CYS A 209 10.10 5.03 7.84
CA CYS A 209 8.98 5.98 7.75
C CYS A 209 8.94 6.85 6.50
N CYS A 210 7.74 7.33 6.16
CA CYS A 210 7.49 8.26 5.07
C CYS A 210 6.01 8.49 4.79
N SER A 211 5.71 9.66 4.22
CA SER A 211 4.34 10.04 3.88
C SER A 211 3.70 8.99 2.99
N GLN A 212 2.40 8.81 3.16
CA GLN A 212 1.67 7.84 2.39
C GLN A 212 0.29 8.29 1.96
N MET A 213 0.04 8.21 0.66
CA MET A 213 -1.26 8.58 0.09
C MET A 213 -1.98 7.28 -0.21
N ASP A 214 -2.76 6.81 0.76
CA ASP A 214 -3.50 5.56 0.61
C ASP A 214 -4.73 5.77 -0.25
N ILE A 215 -4.53 5.75 -1.56
CA ILE A 215 -5.60 5.96 -2.51
C ILE A 215 -6.69 4.90 -2.45
N TRP A 216 -6.29 3.64 -2.34
CA TRP A 216 -7.25 2.55 -2.37
C TRP A 216 -6.89 1.39 -1.46
N GLU A 217 -7.65 1.23 -0.39
CA GLU A 217 -7.50 0.10 0.53
C GLU A 217 -8.90 -0.50 0.37
N ALA A 218 -9.00 -1.67 -0.25
CA ALA A 218 -10.32 -2.25 -0.48
C ALA A 218 -10.44 -3.70 -0.87
N ASN A 219 -11.67 -4.19 -0.77
CA ASN A 219 -12.06 -5.54 -1.17
C ASN A 219 -13.47 -5.40 -1.76
N SER A 220 -14.19 -6.50 -1.93
CA SER A 220 -15.53 -6.43 -2.50
C SER A 220 -16.55 -5.86 -1.51
N ILE A 221 -16.16 -5.73 -0.24
CA ILE A 221 -17.05 -5.23 0.80
C ILE A 221 -16.92 -3.76 1.17
N SER A 222 -15.69 -3.31 1.43
CA SER A 222 -15.46 -1.92 1.81
C SER A 222 -14.27 -1.31 1.07
N GLU A 223 -14.19 0.01 1.09
CA GLU A 223 -13.11 0.73 0.45
C GLU A 223 -12.87 2.03 1.18
N ALA A 224 -11.60 2.42 1.27
CA ALA A 224 -11.21 3.64 1.95
C ALA A 224 -10.12 4.41 1.21
N LEU A 225 -10.12 5.72 1.43
CA LEU A 225 -9.16 6.68 0.84
C LEU A 225 -8.56 7.38 2.05
N THR A 226 -7.24 7.31 2.21
CA THR A 226 -6.62 7.87 3.40
C THR A 226 -5.24 8.51 3.29
N PRO A 227 -5.15 9.83 3.52
CA PRO A 227 -3.85 10.50 3.47
C PRO A 227 -3.20 10.37 4.86
N HIS A 228 -1.90 10.10 4.90
CA HIS A 228 -1.16 9.97 6.16
C HIS A 228 0.07 10.87 6.15
N PRO A 229 0.10 11.89 7.02
CA PRO A 229 1.25 12.79 7.07
C PRO A 229 2.34 12.32 8.04
N CYS A 230 3.56 12.82 7.85
CA CYS A 230 4.69 12.51 8.73
C CYS A 230 5.46 13.82 8.90
N THR A 231 6.05 14.01 10.07
CA THR A 231 6.82 15.22 10.37
C THR A 231 8.01 15.41 9.41
N THR A 232 8.50 14.30 8.86
CA THR A 232 9.56 14.30 7.87
C THR A 232 8.86 13.68 6.67
N VAL A 233 8.84 14.40 5.56
CA VAL A 233 8.15 13.95 4.35
C VAL A 233 8.62 12.63 3.73
N GLY A 234 9.91 12.55 3.41
CA GLY A 234 10.45 11.36 2.78
C GLY A 234 10.93 10.26 3.69
N GLN A 235 11.44 9.20 3.07
CA GLN A 235 11.94 8.02 3.78
C GLN A 235 12.91 8.40 4.88
N GLU A 236 12.68 7.84 6.06
CA GLU A 236 13.53 8.10 7.23
C GLU A 236 13.47 6.93 8.19
N ILE A 237 14.64 6.47 8.63
CA ILE A 237 14.74 5.35 9.55
C ILE A 237 14.26 5.75 10.95
N CYS A 238 13.70 4.80 11.68
CA CYS A 238 13.21 5.04 13.04
C CYS A 238 13.73 3.93 13.95
N GLU A 239 13.80 4.21 15.25
CA GLU A 239 14.31 3.26 16.23
C GLU A 239 13.24 2.63 17.11
N GLY A 240 13.13 1.30 17.05
CA GLY A 240 12.19 0.57 17.87
C GLY A 240 10.79 1.12 17.99
N ASP A 241 10.28 1.19 19.22
CA ASP A 241 8.92 1.68 19.47
C ASP A 241 8.66 3.15 19.14
N GLY A 242 9.74 3.90 18.92
CA GLY A 242 9.60 5.31 18.56
C GLY A 242 9.03 5.38 17.16
N CYS A 243 9.07 4.24 16.47
CA CYS A 243 8.56 4.11 15.11
C CYS A 243 7.06 4.24 15.10
N GLY A 244 6.43 3.74 16.17
CA GLY A 244 5.00 3.76 16.24
C GLY A 244 4.49 2.79 15.19
N GLY A 245 3.29 3.03 14.69
CA GLY A 245 2.72 2.17 13.67
C GLY A 245 2.23 0.80 14.13
N THR A 246 1.72 0.04 13.18
CA THR A 246 1.18 -1.30 13.40
C THR A 246 2.18 -2.27 14.06
N TYR A 247 3.46 -2.12 13.75
CA TYR A 247 4.49 -3.02 14.27
C TYR A 247 5.06 -2.71 15.65
N SER A 248 4.61 -1.62 16.27
CA SER A 248 5.11 -1.27 17.61
C SER A 248 4.00 -1.38 18.64
N ASP A 249 4.37 -1.44 19.92
CA ASP A 249 3.39 -1.53 21.00
C ASP A 249 2.61 -0.21 21.11
N ASN A 250 3.32 0.91 20.99
CA ASN A 250 2.68 2.24 21.02
C ASN A 250 2.60 2.68 19.56
N ARG A 251 1.40 2.65 18.97
CA ARG A 251 1.22 3.02 17.56
C ARG A 251 1.47 4.50 17.26
N TYR A 252 1.35 5.35 18.26
CA TYR A 252 1.59 6.76 18.04
C TYR A 252 3.04 7.08 18.29
N GLY A 253 3.84 6.86 17.26
CA GLY A 253 5.27 7.12 17.31
C GLY A 253 5.59 8.58 17.14
N GLY A 254 6.88 8.89 17.00
CA GLY A 254 7.29 10.28 16.88
C GLY A 254 7.23 10.97 15.53
N THR A 255 7.08 10.24 14.43
CA THR A 255 7.08 10.93 13.14
C THR A 255 5.89 10.77 12.20
N CYS A 256 5.28 9.59 12.14
CA CYS A 256 4.15 9.40 11.23
C CYS A 256 2.81 9.19 11.91
N ASP A 257 1.75 9.49 11.17
CA ASP A 257 0.39 9.31 11.65
C ASP A 257 -0.04 7.96 11.05
N PRO A 258 -0.20 6.93 11.90
CA PRO A 258 -0.60 5.59 11.46
C PRO A 258 -2.08 5.41 11.15
N ASP A 259 -2.91 6.36 11.59
CA ASP A 259 -4.35 6.29 11.36
C ASP A 259 -4.78 6.93 10.05
N GLY A 260 -4.41 8.20 9.89
CA GLY A 260 -4.76 8.95 8.70
C GLY A 260 -6.13 9.61 8.79
N CYS A 261 -6.46 10.43 7.80
CA CYS A 261 -7.77 11.08 7.73
C CYS A 261 -8.49 10.22 6.69
N ASP A 262 -9.03 9.10 7.16
CA ASP A 262 -9.69 8.14 6.30
C ASP A 262 -11.10 8.51 5.88
N TRP A 263 -11.45 8.10 4.67
CA TRP A 263 -12.79 8.29 4.13
C TRP A 263 -13.31 6.98 3.57
N ASN A 264 -14.18 6.34 4.35
CA ASN A 264 -14.82 5.08 3.97
C ASN A 264 -16.31 5.43 3.93
N PRO A 265 -16.93 5.42 2.73
CA PRO A 265 -18.36 5.75 2.56
C PRO A 265 -19.28 5.01 3.52
N TYR A 266 -19.00 3.73 3.75
CA TYR A 266 -19.77 2.90 4.67
C TYR A 266 -19.62 3.43 6.09
N ARG A 267 -18.38 3.70 6.51
CA ARG A 267 -18.11 4.19 7.85
C ARG A 267 -18.80 5.53 8.10
N LEU A 268 -18.92 6.32 7.04
CA LEU A 268 -19.56 7.63 7.14
C LEU A 268 -21.08 7.59 7.11
N GLY A 269 -21.66 6.42 6.89
CA GLY A 269 -23.11 6.32 6.89
C GLY A 269 -23.81 5.82 5.64
N ASN A 270 -23.11 5.78 4.51
CA ASN A 270 -23.74 5.29 3.29
C ASN A 270 -23.40 3.82 3.10
N THR A 271 -24.29 2.97 3.59
CA THR A 271 -24.13 1.52 3.52
C THR A 271 -24.63 0.88 2.22
N SER A 272 -25.13 1.70 1.29
CA SER A 272 -25.66 1.21 0.03
C SER A 272 -24.85 1.63 -1.20
N PHE A 273 -23.74 2.33 -0.97
CA PHE A 273 -22.92 2.82 -2.08
C PHE A 273 -21.99 1.81 -2.75
N TYR A 274 -21.30 1.01 -1.95
CA TYR A 274 -20.30 0.09 -2.49
C TYR A 274 -20.48 -1.32 -1.94
N GLY A 275 -20.71 -2.29 -2.83
CA GLY A 275 -20.89 -3.66 -2.41
C GLY A 275 -21.21 -4.59 -3.57
N PRO A 276 -21.28 -5.91 -3.33
CA PRO A 276 -21.56 -6.91 -4.37
C PRO A 276 -23.03 -7.04 -4.78
N GLY A 277 -23.28 -6.93 -6.08
CA GLY A 277 -24.63 -7.05 -6.59
C GLY A 277 -25.30 -5.73 -6.94
N SER A 278 -26.49 -5.83 -7.52
CA SER A 278 -27.27 -4.69 -7.97
C SER A 278 -27.93 -3.82 -6.89
N SER A 279 -27.85 -4.23 -5.62
CA SER A 279 -28.45 -3.43 -4.56
C SER A 279 -27.52 -2.30 -4.09
N PHE A 280 -26.35 -2.20 -4.71
CA PHE A 280 -25.39 -1.16 -4.37
C PHE A 280 -25.21 -0.20 -5.56
N THR A 281 -24.87 1.04 -5.26
CA THR A 281 -24.65 2.06 -6.28
C THR A 281 -23.55 1.56 -7.21
N LEU A 282 -22.48 1.08 -6.59
CA LEU A 282 -21.35 0.51 -7.32
C LEU A 282 -21.34 -0.98 -7.00
N ASP A 283 -21.53 -1.79 -8.03
CA ASP A 283 -21.56 -3.25 -7.93
C ASP A 283 -20.12 -3.80 -8.01
N THR A 284 -19.61 -4.28 -6.88
CA THR A 284 -18.26 -4.81 -6.79
C THR A 284 -18.01 -6.16 -7.47
N THR A 285 -19.03 -6.74 -8.10
CA THR A 285 -18.83 -8.00 -8.82
C THR A 285 -18.36 -7.64 -10.22
N LYS A 286 -18.34 -6.34 -10.53
CA LYS A 286 -17.93 -5.84 -11.84
C LYS A 286 -16.82 -4.79 -11.70
N LYS A 287 -16.02 -4.64 -12.74
CA LYS A 287 -14.93 -3.67 -12.74
C LYS A 287 -15.45 -2.24 -12.59
N LEU A 288 -14.66 -1.40 -11.93
CA LEU A 288 -15.04 -0.01 -11.74
C LEU A 288 -13.82 0.89 -11.94
N THR A 289 -14.08 2.17 -12.21
CA THR A 289 -13.04 3.16 -12.40
C THR A 289 -13.05 4.09 -11.20
N VAL A 290 -11.86 4.32 -10.63
CA VAL A 290 -11.69 5.16 -9.45
C VAL A 290 -10.77 6.33 -9.79
N VAL A 291 -11.27 7.56 -9.62
CA VAL A 291 -10.49 8.76 -9.93
C VAL A 291 -10.29 9.65 -8.70
N THR A 292 -9.03 9.96 -8.42
CA THR A 292 -8.68 10.79 -7.26
C THR A 292 -7.95 12.03 -7.74
N GLN A 293 -8.50 13.19 -7.36
CA GLN A 293 -7.96 14.48 -7.75
C GLN A 293 -7.37 15.23 -6.58
N PHE A 294 -6.18 15.80 -6.78
CA PHE A 294 -5.48 16.53 -5.73
C PHE A 294 -5.36 18.02 -6.05
N GLU A 295 -6.38 18.79 -5.69
CA GLU A 295 -6.36 20.22 -5.96
C GLU A 295 -5.31 20.94 -5.12
N THR A 296 -4.78 22.03 -5.66
CA THR A 296 -3.73 22.80 -4.98
C THR A 296 -4.05 23.31 -3.59
N SER A 297 -5.33 23.36 -3.21
CA SER A 297 -5.67 23.83 -1.87
C SER A 297 -5.19 22.82 -0.82
N GLY A 298 -4.96 21.58 -1.26
CA GLY A 298 -4.53 20.52 -0.36
C GLY A 298 -5.66 19.52 -0.15
N ALA A 299 -6.85 19.84 -0.64
CA ALA A 299 -8.01 18.98 -0.50
C ALA A 299 -8.02 17.88 -1.55
N ILE A 300 -8.71 16.78 -1.24
CA ILE A 300 -8.79 15.65 -2.14
C ILE A 300 -10.21 15.36 -2.60
N ASN A 301 -10.39 15.24 -3.91
CA ASN A 301 -11.70 14.95 -4.49
C ASN A 301 -11.67 13.59 -5.13
N ARG A 302 -12.85 12.99 -5.27
CA ARG A 302 -12.96 11.65 -5.81
C ARG A 302 -14.30 11.37 -6.50
N TYR A 303 -14.23 10.60 -7.57
CA TYR A 303 -15.41 10.18 -8.29
C TYR A 303 -15.14 8.78 -8.86
N TYR A 304 -16.21 8.07 -9.18
CA TYR A 304 -16.13 6.71 -9.70
C TYR A 304 -16.94 6.63 -10.97
N VAL A 305 -16.64 5.63 -11.79
CA VAL A 305 -17.39 5.40 -13.01
C VAL A 305 -17.60 3.91 -13.19
N GLN A 306 -18.82 3.52 -13.51
CA GLN A 306 -19.12 2.11 -13.76
C GLN A 306 -20.24 2.05 -14.78
N ASN A 307 -20.00 1.29 -15.86
CA ASN A 307 -20.95 1.15 -16.95
C ASN A 307 -21.24 2.52 -17.57
N GLY A 308 -20.24 3.40 -17.54
CA GLY A 308 -20.39 4.73 -18.12
C GLY A 308 -21.05 5.75 -17.21
N VAL A 309 -21.62 5.29 -16.09
CA VAL A 309 -22.29 6.19 -15.15
C VAL A 309 -21.29 6.73 -14.12
N THR A 310 -21.29 8.04 -13.93
CA THR A 310 -20.39 8.70 -12.99
C THR A 310 -21.03 9.00 -11.64
N PHE A 311 -20.27 8.76 -10.58
CA PHE A 311 -20.72 9.00 -9.22
C PHE A 311 -19.62 9.70 -8.43
N GLN A 312 -19.92 10.89 -7.94
CA GLN A 312 -18.96 11.62 -7.12
C GLN A 312 -18.90 10.86 -5.80
N GLN A 313 -17.90 11.16 -4.97
CA GLN A 313 -17.78 10.55 -3.66
C GLN A 313 -19.08 10.97 -2.96
N PRO A 314 -19.79 10.02 -2.33
CA PRO A 314 -21.05 10.38 -1.66
C PRO A 314 -20.91 11.41 -0.56
N ASN A 315 -21.94 12.24 -0.42
CA ASN A 315 -21.93 13.26 0.61
C ASN A 315 -21.98 12.61 1.97
N ALA A 316 -21.35 13.27 2.94
CA ALA A 316 -21.32 12.80 4.30
C ALA A 316 -21.52 14.01 5.19
N GLU A 317 -22.22 13.79 6.30
CA GLU A 317 -22.48 14.83 7.27
C GLU A 317 -21.87 14.27 8.55
N LEU A 318 -20.92 15.02 9.10
CA LEU A 318 -20.23 14.59 10.31
C LEU A 318 -19.92 15.83 11.13
N GLY A 319 -20.61 15.99 12.25
CA GLY A 319 -20.41 17.17 13.06
C GLY A 319 -20.93 18.33 12.23
N SER A 320 -20.16 19.42 12.19
CA SER A 320 -20.54 20.59 11.41
C SER A 320 -20.15 20.44 9.93
N TYR A 321 -19.46 19.35 9.61
CA TYR A 321 -19.04 19.11 8.24
C TYR A 321 -20.14 18.51 7.37
N SER A 322 -20.19 18.95 6.11
CA SER A 322 -21.15 18.43 5.14
C SER A 322 -20.57 18.57 3.75
N GLY A 323 -20.52 17.46 3.01
CA GLY A 323 -19.98 17.49 1.65
C GLY A 323 -19.31 16.20 1.24
N ASN A 324 -18.62 16.23 0.11
CA ASN A 324 -17.93 15.04 -0.39
C ASN A 324 -16.43 15.25 -0.66
N GLU A 325 -15.91 16.40 -0.26
CA GLU A 325 -14.51 16.72 -0.44
C GLU A 325 -13.71 16.44 0.82
N LEU A 326 -12.59 15.76 0.67
CA LEU A 326 -11.73 15.45 1.81
C LEU A 326 -10.85 16.68 2.05
N ASN A 327 -11.25 17.51 3.00
CA ASN A 327 -10.51 18.74 3.33
C ASN A 327 -10.30 18.89 4.83
N ASP A 328 -9.69 20.02 5.23
CA ASP A 328 -9.42 20.31 6.63
C ASP A 328 -10.64 20.16 7.52
N ASP A 329 -11.75 20.73 7.07
CA ASP A 329 -13.00 20.67 7.84
C ASP A 329 -13.45 19.22 8.06
N TYR A 330 -13.28 18.38 7.05
CA TYR A 330 -13.66 16.97 7.19
C TYR A 330 -12.78 16.27 8.23
N CYS A 331 -11.47 16.37 8.08
CA CYS A 331 -10.53 15.73 8.99
C CYS A 331 -10.66 16.18 10.44
N THR A 332 -10.97 17.46 10.62
CA THR A 332 -11.14 18.04 11.95
C THR A 332 -12.45 17.53 12.55
N ALA A 333 -13.49 17.46 11.72
CA ALA A 333 -14.79 16.98 12.14
C ALA A 333 -14.71 15.49 12.50
N GLU A 334 -13.94 14.73 11.73
CA GLU A 334 -13.80 13.30 11.98
C GLU A 334 -13.15 13.05 13.33
N GLU A 335 -12.06 13.77 13.63
CA GLU A 335 -11.39 13.59 14.91
C GLU A 335 -12.31 13.99 16.05
N ALA A 336 -13.14 15.00 15.81
CA ALA A 336 -14.07 15.47 16.84
C ALA A 336 -15.18 14.45 17.09
N GLU A 337 -15.67 13.83 16.02
CA GLU A 337 -16.75 12.84 16.12
C GLU A 337 -16.29 11.43 16.46
N PHE A 338 -15.30 10.94 15.73
CA PHE A 338 -14.78 9.59 15.94
C PHE A 338 -13.68 9.52 17.00
N GLY A 339 -13.04 10.65 17.29
CA GLY A 339 -12.00 10.67 18.29
C GLY A 339 -10.60 10.60 17.68
N GLY A 340 -9.60 10.89 18.51
CA GLY A 340 -8.21 10.86 18.06
C GLY A 340 -7.66 12.21 17.68
N SER A 341 -6.33 12.30 17.59
CA SER A 341 -5.66 13.54 17.24
C SER A 341 -4.39 13.30 16.45
N SER A 342 -4.15 12.04 16.07
CA SER A 342 -2.94 11.66 15.33
C SER A 342 -2.70 12.46 14.05
N PHE A 343 -3.72 12.51 13.19
CA PHE A 343 -3.64 13.22 11.92
C PHE A 343 -3.28 14.69 12.09
N SER A 344 -3.96 15.38 12.98
CA SER A 344 -3.70 16.80 13.22
C SER A 344 -2.38 17.01 13.96
N ASP A 345 -2.02 16.08 14.83
CA ASP A 345 -0.77 16.18 15.58
C ASP A 345 0.42 16.13 14.62
N LYS A 346 0.28 15.37 13.54
CA LYS A 346 1.32 15.24 12.53
C LYS A 346 1.26 16.31 11.43
N GLY A 347 0.44 17.34 11.64
CA GLY A 347 0.35 18.41 10.66
C GLY A 347 -0.83 18.44 9.71
N GLY A 348 -1.61 17.35 9.67
CA GLY A 348 -2.77 17.31 8.80
C GLY A 348 -2.53 17.42 7.30
N LEU A 349 -3.51 17.98 6.59
CA LEU A 349 -3.42 18.13 5.15
C LEU A 349 -2.34 19.11 4.71
N THR A 350 -2.00 20.07 5.56
CA THR A 350 -0.96 21.04 5.24
C THR A 350 0.38 20.31 5.16
N GLN A 351 0.64 19.46 6.16
CA GLN A 351 1.88 18.69 6.17
C GLN A 351 1.84 17.68 5.04
N PHE A 352 0.67 17.10 4.80
CA PHE A 352 0.53 16.11 3.76
C PHE A 352 0.76 16.70 2.37
N LYS A 353 0.48 17.99 2.23
CA LYS A 353 0.64 18.69 0.95
C LYS A 353 2.12 18.71 0.55
N LYS A 354 2.99 18.71 1.56
CA LYS A 354 4.44 18.72 1.34
C LYS A 354 4.91 17.45 0.63
N ALA A 355 4.15 16.37 0.80
CA ALA A 355 4.46 15.09 0.18
C ALA A 355 3.93 15.05 -1.25
N THR A 356 2.70 15.52 -1.45
CA THR A 356 2.09 15.52 -2.78
C THR A 356 2.73 16.55 -3.71
N SER A 357 3.44 17.51 -3.13
CA SER A 357 4.14 18.54 -3.91
C SER A 357 5.40 17.94 -4.52
N GLY A 358 5.92 16.89 -3.89
CA GLY A 358 7.12 16.22 -4.36
C GLY A 358 6.78 14.91 -5.05
N GLY A 359 7.80 14.11 -5.36
CA GLY A 359 7.56 12.85 -6.05
C GLY A 359 7.17 11.70 -5.13
N MET A 360 6.32 10.82 -5.63
CA MET A 360 5.86 9.64 -4.88
C MET A 360 5.79 8.42 -5.79
N VAL A 361 6.14 7.27 -5.23
CA VAL A 361 6.14 6.00 -5.97
C VAL A 361 4.81 5.25 -5.86
N LEU A 362 4.37 4.69 -6.97
CA LEU A 362 3.12 3.93 -7.04
C LEU A 362 3.34 2.50 -6.55
N VAL A 363 2.47 2.08 -5.64
CA VAL A 363 2.52 0.74 -5.04
C VAL A 363 1.19 0.02 -5.26
N MET A 364 1.25 -1.23 -5.70
CA MET A 364 0.08 -2.07 -5.89
C MET A 364 0.34 -3.38 -5.15
N SER A 365 -0.61 -3.77 -4.30
CA SER A 365 -0.43 -4.97 -3.50
C SER A 365 -1.72 -5.75 -3.25
N LEU A 366 -1.52 -6.91 -2.65
CA LEU A 366 -2.60 -7.82 -2.26
C LEU A 366 -2.06 -8.44 -0.99
N TRP A 367 -2.79 -8.26 0.09
CA TRP A 367 -2.37 -8.77 1.37
C TRP A 367 -3.52 -9.03 2.32
N ASP A 368 -3.23 -9.85 3.33
CA ASP A 368 -4.20 -10.10 4.39
C ASP A 368 -3.55 -9.52 5.64
N ASP A 369 -4.35 -9.31 6.68
CA ASP A 369 -3.91 -8.65 7.88
C ASP A 369 -3.61 -9.52 9.10
N TYR A 370 -2.32 -9.74 9.38
CA TYR A 370 -1.89 -10.54 10.53
C TYR A 370 -1.94 -9.81 11.86
N TYR A 371 -2.28 -8.53 11.83
CA TYR A 371 -2.36 -7.75 13.06
C TYR A 371 -3.77 -7.37 13.52
N ALA A 372 -4.69 -7.21 12.57
CA ALA A 372 -6.07 -6.84 12.93
C ALA A 372 -7.14 -7.46 12.05
N ASN A 373 -6.76 -8.45 11.25
CA ASN A 373 -7.69 -9.16 10.37
C ASN A 373 -8.53 -8.30 9.41
N MET A 374 -8.02 -7.13 9.04
CA MET A 374 -8.70 -6.20 8.12
C MET A 374 -10.02 -5.66 8.67
N LEU A 375 -10.23 -5.81 9.98
CA LEU A 375 -11.46 -5.37 10.62
C LEU A 375 -11.67 -3.86 10.58
N TRP A 376 -10.57 -3.12 10.67
CA TRP A 376 -10.61 -1.66 10.63
C TRP A 376 -11.17 -1.17 9.30
N LEU A 377 -11.12 -2.04 8.29
CA LEU A 377 -11.61 -1.71 6.95
C LEU A 377 -13.01 -2.20 6.61
N ASP A 378 -13.30 -3.47 6.89
CA ASP A 378 -14.58 -4.04 6.49
C ASP A 378 -15.51 -4.59 7.57
N SER A 379 -15.23 -4.34 8.83
CA SER A 379 -16.07 -4.87 9.90
C SER A 379 -16.30 -3.80 10.97
N THR A 380 -16.58 -4.24 12.19
CA THR A 380 -16.77 -3.33 13.32
C THR A 380 -15.47 -3.37 14.11
N TYR A 381 -14.89 -2.21 14.39
CA TYR A 381 -13.62 -2.15 15.09
C TYR A 381 -13.49 -0.95 16.02
N PRO A 382 -13.14 -1.17 17.30
CA PRO A 382 -12.85 -2.45 17.95
C PRO A 382 -14.08 -3.38 17.92
N THR A 383 -13.84 -4.70 17.99
CA THR A 383 -14.92 -5.67 17.93
C THR A 383 -15.95 -5.60 19.05
N ASN A 384 -15.59 -4.99 20.17
CA ASN A 384 -16.50 -4.87 21.30
C ASN A 384 -17.46 -3.68 21.17
N GLU A 385 -17.19 -2.80 20.21
CA GLU A 385 -18.04 -1.63 20.00
C GLU A 385 -19.31 -2.00 19.26
N THR A 386 -20.27 -1.08 19.25
CA THR A 386 -21.55 -1.30 18.57
C THR A 386 -21.78 -0.19 17.55
N SER A 387 -22.85 -0.30 16.77
CA SER A 387 -23.17 0.70 15.76
C SER A 387 -23.44 2.07 16.39
N SER A 388 -23.70 2.09 17.69
CA SER A 388 -23.95 3.32 18.43
C SER A 388 -22.66 4.12 18.67
N THR A 389 -21.52 3.43 18.65
CA THR A 389 -20.23 4.09 18.83
C THR A 389 -19.89 4.73 17.49
N PRO A 390 -19.73 6.06 17.47
CA PRO A 390 -19.41 6.79 16.23
C PRO A 390 -18.17 6.25 15.52
N GLY A 391 -18.36 5.83 14.26
CA GLY A 391 -17.27 5.33 13.43
C GLY A 391 -16.84 3.88 13.62
N ALA A 392 -17.46 3.19 14.56
CA ALA A 392 -17.10 1.80 14.85
C ALA A 392 -17.33 0.85 13.69
N VAL A 393 -18.48 0.96 13.05
CA VAL A 393 -18.83 0.09 11.93
C VAL A 393 -18.32 0.63 10.59
N ARG A 394 -17.41 -0.11 9.97
CA ARG A 394 -16.80 0.28 8.70
C ARG A 394 -17.20 -0.62 7.54
N GLY A 395 -17.86 -1.72 7.84
CA GLY A 395 -18.28 -2.64 6.80
C GLY A 395 -19.20 -3.71 7.36
N SER A 396 -19.71 -4.58 6.49
CA SER A 396 -20.62 -5.65 6.90
C SER A 396 -19.98 -6.99 7.23
N CYS A 397 -18.65 -7.06 7.21
CA CYS A 397 -17.98 -8.31 7.53
C CYS A 397 -18.10 -8.63 9.01
N SER A 398 -18.18 -9.92 9.31
CA SER A 398 -18.28 -10.36 10.70
C SER A 398 -16.98 -9.99 11.41
N THR A 399 -17.07 -9.71 12.70
CA THR A 399 -15.88 -9.38 13.48
C THR A 399 -14.95 -10.60 13.64
N SER A 400 -15.42 -11.77 13.19
CA SER A 400 -14.64 -13.00 13.26
C SER A 400 -13.95 -13.29 11.93
N SER A 401 -14.19 -12.44 10.94
CA SER A 401 -13.61 -12.61 9.61
C SER A 401 -12.14 -12.17 9.47
N GLY A 402 -11.52 -12.61 8.37
CA GLY A 402 -10.16 -12.22 8.09
C GLY A 402 -9.00 -12.91 8.76
N VAL A 403 -9.22 -14.01 9.49
CA VAL A 403 -8.09 -14.70 10.12
C VAL A 403 -7.23 -15.16 8.93
N PRO A 404 -5.97 -14.70 8.86
CA PRO A 404 -5.05 -15.06 7.77
C PRO A 404 -5.02 -16.52 7.37
N ALA A 405 -4.75 -17.41 8.33
CA ALA A 405 -4.69 -18.84 8.04
C ALA A 405 -6.00 -19.37 7.45
N GLN A 406 -7.13 -18.83 7.90
CA GLN A 406 -8.42 -19.27 7.40
C GLN A 406 -8.73 -18.79 5.99
N VAL A 407 -8.50 -17.50 5.72
CA VAL A 407 -8.78 -16.95 4.39
C VAL A 407 -7.83 -17.51 3.33
N GLU A 408 -6.59 -17.78 3.72
CA GLU A 408 -5.60 -18.35 2.80
C GLU A 408 -5.98 -19.78 2.43
N SER A 409 -6.57 -20.48 3.40
CA SER A 409 -7.02 -21.86 3.19
C SER A 409 -8.34 -21.92 2.42
N GLN A 410 -9.24 -20.99 2.74
CA GLN A 410 -10.56 -20.95 2.09
C GLN A 410 -10.65 -20.22 0.76
N SER A 411 -9.85 -19.17 0.57
CA SER A 411 -9.89 -18.41 -0.67
C SER A 411 -8.48 -18.24 -1.28
N PRO A 412 -7.75 -19.34 -1.50
CA PRO A 412 -6.42 -19.23 -2.07
C PRO A 412 -6.40 -18.62 -3.48
N ASN A 413 -7.48 -18.83 -4.21
CA ASN A 413 -7.60 -18.33 -5.57
C ASN A 413 -8.14 -16.91 -5.69
N ALA A 414 -8.21 -16.21 -4.55
CA ALA A 414 -8.66 -14.83 -4.56
C ALA A 414 -7.60 -14.05 -5.34
N LYS A 415 -7.98 -12.89 -5.88
CA LYS A 415 -7.04 -12.09 -6.66
C LYS A 415 -7.57 -10.68 -6.87
N VAL A 416 -6.69 -9.80 -7.35
CA VAL A 416 -7.06 -8.43 -7.65
C VAL A 416 -6.42 -8.07 -8.99
N THR A 417 -7.17 -7.32 -9.79
CA THR A 417 -6.66 -6.89 -11.08
C THR A 417 -6.79 -5.37 -11.22
N PHE A 418 -5.64 -4.72 -11.34
CA PHE A 418 -5.55 -3.28 -11.52
C PHE A 418 -5.27 -3.08 -13.01
N SER A 419 -5.91 -2.09 -13.63
CA SER A 419 -5.71 -1.85 -15.05
C SER A 419 -6.03 -0.43 -15.48
N ASN A 420 -5.62 -0.11 -16.71
CA ASN A 420 -5.86 1.20 -17.32
C ASN A 420 -5.51 2.38 -16.44
N ILE A 421 -4.29 2.36 -15.90
CA ILE A 421 -3.80 3.45 -15.06
C ILE A 421 -3.61 4.67 -15.98
N LYS A 422 -4.12 5.82 -15.57
CA LYS A 422 -4.00 7.06 -16.34
C LYS A 422 -3.72 8.17 -15.35
N PHE A 423 -2.75 9.02 -15.68
CA PHE A 423 -2.35 10.11 -14.81
C PHE A 423 -2.17 11.41 -15.61
N GLY A 424 -2.55 12.53 -15.02
CA GLY A 424 -2.41 13.80 -15.71
C GLY A 424 -3.08 14.92 -14.96
N PRO A 425 -3.11 16.13 -15.51
CA PRO A 425 -3.76 17.28 -14.85
C PRO A 425 -5.23 16.99 -14.54
N ILE A 426 -5.75 17.65 -13.51
CA ILE A 426 -7.14 17.48 -13.13
C ILE A 426 -8.04 17.76 -14.34
N GLY A 427 -8.96 16.82 -14.60
CA GLY A 427 -9.88 16.93 -15.72
C GLY A 427 -9.41 16.32 -17.03
N SER A 428 -8.23 15.69 -17.04
CA SER A 428 -7.68 15.13 -18.28
C SER A 428 -7.73 13.63 -18.51
N THR A 429 -7.72 12.83 -17.44
CA THR A 429 -7.71 11.38 -17.58
C THR A 429 -8.92 10.71 -18.19
N GLY A 430 -10.01 11.45 -18.35
CA GLY A 430 -11.20 10.87 -18.95
C GLY A 430 -11.15 10.94 -20.46
N ASN A 431 -10.14 11.63 -21.00
CA ASN A 431 -9.99 11.78 -22.44
C ASN A 431 -9.42 10.51 -23.09
N PRO A 432 -9.56 10.39 -24.42
CA PRO A 432 -9.08 9.23 -25.17
C PRO A 432 -7.61 8.86 -24.92
N SER A 433 -7.36 7.57 -24.75
CA SER A 433 -6.01 7.05 -24.52
C SER A 433 -5.24 6.99 -25.85
N GLY A 434 -3.93 7.16 -25.77
CA GLY A 434 -3.09 7.11 -26.97
C GLY A 434 -2.68 5.71 -27.40
#